data_7KZW
#
_entry.id   7KZW
#
_cell.length_a   83.412
_cell.length_b   83.412
_cell.length_c   36.850
_cell.angle_alpha   90.000
_cell.angle_beta   90.000
_cell.angle_gamma   120.000
#
_symmetry.space_group_name_H-M   'P 62'
#
loop_
_entity.id
_entity.type
_entity.pdbx_description
1 polymer FTT_1639c
2 non-polymer 'CHLORIDE ION'
3 water water
#
_entity_poly.entity_id   1
_entity_poly.type   'polypeptide(L)'
_entity_poly.pdbx_seq_one_letter_code
;DKYQARELPLLKHGYSKKN(MSE)TAYN(MSE)FGFCCDNTPSGIFNI(MSE)DKKPTEFLVNIYVGDNQGCKFIYAADT
KGKQGEITQTGSFTAYLSGRNELLKLECKGKDSNIDYKVIAYANAIEYDRVGNLSYLVESGGL
;
_entity_poly.pdbx_strand_id   A
#
loop_
_chem_comp.id
_chem_comp.type
_chem_comp.name
_chem_comp.formula
CL non-polymer 'CHLORIDE ION' 'Cl -1'
#
# COMPACT_ATOMS: atom_id res chain seq x y z
N GLN A 4 17.47 10.98 -4.22
CA GLN A 4 16.97 10.46 -2.98
C GLN A 4 15.69 9.64 -3.26
N ALA A 5 14.66 9.81 -2.43
CA ALA A 5 13.43 9.02 -2.48
C ALA A 5 12.50 9.45 -3.62
N ARG A 6 11.78 8.48 -4.17
CA ARG A 6 10.65 8.66 -5.07
C ARG A 6 9.36 8.47 -4.29
N GLU A 7 8.24 9.00 -4.81
CA GLU A 7 6.96 8.72 -4.19
C GLU A 7 6.40 7.37 -4.63
N LEU A 8 5.93 6.56 -3.68
CA LEU A 8 5.23 5.35 -4.00
C LEU A 8 3.91 5.71 -4.67
N PRO A 9 3.67 5.31 -5.93
CA PRO A 9 2.50 5.83 -6.65
C PRO A 9 1.16 5.27 -6.16
N LEU A 10 0.12 6.10 -6.29
CA LEU A 10 -1.26 5.70 -6.05
C LEU A 10 -1.80 5.17 -7.38
N LEU A 11 -2.16 3.90 -7.42
CA LEU A 11 -2.69 3.30 -8.65
C LEU A 11 -4.16 3.49 -8.83
N LYS A 12 -4.92 3.40 -7.74
CA LYS A 12 -6.38 3.31 -7.85
C LYS A 12 -6.93 3.65 -6.47
N HIS A 13 -8.13 4.20 -6.44
CA HIS A 13 -8.85 4.38 -5.17
C HIS A 13 -10.33 4.17 -5.43
N GLY A 14 -11.08 3.93 -4.37
CA GLY A 14 -12.53 3.75 -4.52
C GLY A 14 -13.18 3.57 -3.17
N TYR A 15 -14.49 3.35 -3.20
CA TYR A 15 -15.25 3.19 -1.97
C TYR A 15 -16.54 2.44 -2.26
N SER A 16 -17.18 1.94 -1.20
CA SER A 16 -18.49 1.30 -1.29
C SER A 16 -19.36 1.91 -0.21
N LYS A 17 -20.42 2.61 -0.61
CA LYS A 17 -21.35 3.17 0.37
C LYS A 17 -22.08 2.05 1.13
N LYS A 18 -22.38 0.94 0.45
CA LYS A 18 -23.17 -0.12 1.08
C LYS A 18 -22.43 -0.75 2.25
N ASN A 19 -21.11 -0.90 2.10
CA ASN A 19 -20.27 -1.54 3.10
C ASN A 19 -19.49 -0.53 3.93
N MSE A 20 -19.69 0.77 3.71
CA MSE A 20 -18.86 1.83 4.25
C MSE A 20 -17.35 1.45 4.28
O MSE A 20 -16.65 1.50 5.32
CB MSE A 20 -19.40 2.40 5.60
CG MSE A 20 -20.71 3.38 5.40
SE MSE A 20 -21.28 3.96 7.11
CE MSE A 20 -22.85 4.99 6.58
N THR A 21 -16.82 1.07 3.12
CA THR A 21 -15.41 0.77 2.93
C THR A 21 -14.84 1.74 1.91
N ALA A 22 -13.53 1.94 1.99
CA ALA A 22 -12.82 2.71 0.98
C ALA A 22 -11.40 2.20 0.94
N TYR A 23 -10.69 2.51 -0.16
CA TYR A 23 -9.34 2.03 -0.26
C TYR A 23 -8.48 2.94 -1.12
N ASN A 24 -7.16 2.80 -0.91
CA ASN A 24 -6.14 3.32 -1.81
C ASN A 24 -5.24 2.14 -2.15
N MSE A 25 -4.94 1.93 -3.44
CA MSE A 25 -4.01 0.90 -3.87
C MSE A 25 -2.73 1.58 -4.34
O MSE A 25 -2.80 2.43 -5.22
CB MSE A 25 -4.63 0.12 -5.04
CG MSE A 25 -3.81 -1.05 -5.51
SE MSE A 25 -3.78 -2.49 -4.25
CE MSE A 25 -5.53 -3.23 -4.56
N PHE A 26 -1.61 1.19 -3.75
CA PHE A 26 -0.30 1.73 -4.12
C PHE A 26 0.49 0.70 -4.90
N GLY A 27 1.22 1.16 -5.91
CA GLY A 27 2.02 0.28 -6.73
C GLY A 27 2.44 0.99 -8.00
N PHE A 28 2.78 0.22 -9.03
CA PHE A 28 3.38 0.77 -10.23
C PHE A 28 2.56 0.42 -11.47
N CYS A 29 2.75 1.20 -12.53
CA CYS A 29 2.16 0.93 -13.84
C CYS A 29 3.23 0.98 -14.94
N CYS A 30 2.78 1.09 -16.21
CA CYS A 30 3.68 0.96 -17.36
CA CYS A 30 3.69 0.95 -17.35
C CYS A 30 4.69 2.11 -17.45
N ASP A 31 4.30 3.32 -17.02
CA ASP A 31 5.17 4.49 -17.15
C ASP A 31 5.99 4.78 -15.90
N ASN A 32 5.91 3.92 -14.94
CA ASN A 32 6.65 4.20 -13.71
C ASN A 32 7.21 2.95 -13.08
N THR A 33 7.27 1.80 -13.81
CA THR A 33 7.92 0.64 -13.16
C THR A 33 9.43 0.66 -13.33
N PRO A 34 10.18 0.84 -12.26
CA PRO A 34 11.63 0.99 -12.38
C PRO A 34 12.29 -0.24 -12.95
N SER A 35 13.43 0.00 -13.57
CA SER A 35 14.24 -1.06 -14.14
C SER A 35 14.62 -2.03 -13.04
N GLY A 36 14.57 -3.33 -13.36
CA GLY A 36 15.00 -4.36 -12.43
C GLY A 36 14.00 -4.71 -11.35
N ILE A 37 12.76 -4.24 -11.44
CA ILE A 37 11.73 -4.52 -10.46
CA ILE A 37 11.74 -4.54 -10.46
C ILE A 37 10.78 -5.54 -11.08
N PHE A 38 10.62 -6.69 -10.42
CA PHE A 38 9.82 -7.81 -10.91
C PHE A 38 8.80 -8.20 -9.88
N ASN A 39 7.67 -8.77 -10.34
CA ASN A 39 6.54 -9.11 -9.51
C ASN A 39 6.42 -10.62 -9.34
N ILE A 40 5.37 -11.06 -8.63
CA ILE A 40 5.28 -12.47 -8.27
C ILE A 40 4.95 -13.37 -9.45
N MSE A 41 4.62 -12.79 -10.59
CA MSE A 41 4.41 -13.63 -11.80
C MSE A 41 5.75 -13.90 -12.46
O MSE A 41 5.78 -14.75 -13.34
CB MSE A 41 3.57 -12.90 -12.83
CG MSE A 41 2.12 -12.75 -12.45
SE MSE A 41 1.10 -11.74 -13.79
CE MSE A 41 1.70 -12.99 -15.09
N ASP A 42 6.82 -13.29 -11.98
CA ASP A 42 8.12 -13.34 -12.62
C ASP A 42 9.02 -14.33 -11.90
N LYS A 43 10.13 -14.70 -12.57
CA LYS A 43 10.95 -15.77 -12.06
C LYS A 43 11.64 -15.38 -10.76
N LYS A 44 12.01 -14.10 -10.60
CA LYS A 44 12.72 -13.63 -9.41
C LYS A 44 12.06 -12.35 -8.87
N PRO A 45 10.95 -12.49 -8.11
CA PRO A 45 10.24 -11.30 -7.61
C PRO A 45 11.12 -10.45 -6.71
N THR A 46 11.02 -9.14 -6.87
CA THR A 46 11.83 -8.22 -6.10
C THR A 46 11.26 -8.12 -4.68
N GLU A 47 12.12 -8.25 -3.66
CA GLU A 47 11.72 -8.03 -2.28
C GLU A 47 11.62 -6.53 -2.02
N PHE A 48 10.50 -6.08 -1.43
CA PHE A 48 10.38 -4.75 -0.88
C PHE A 48 10.48 -4.84 0.65
N LEU A 49 11.44 -4.14 1.25
CA LEU A 49 11.66 -4.16 2.68
C LEU A 49 10.99 -2.87 3.15
N VAL A 50 9.91 -3.00 3.92
CA VAL A 50 8.99 -1.89 4.14
C VAL A 50 8.94 -1.55 5.61
N ASN A 51 9.03 -0.26 5.91
CA ASN A 51 8.76 0.23 7.24
C ASN A 51 7.53 1.13 7.16
N ILE A 52 6.53 0.88 7.97
CA ILE A 52 5.31 1.69 8.06
CA ILE A 52 5.41 1.80 8.04
C ILE A 52 5.27 2.32 9.46
N TYR A 53 4.71 3.54 9.54
CA TYR A 53 4.55 4.25 10.80
C TYR A 53 3.11 4.69 10.80
N VAL A 54 2.40 4.48 11.93
CA VAL A 54 0.98 4.76 11.98
C VAL A 54 0.70 5.60 13.21
N GLY A 55 -0.06 6.68 13.05
CA GLY A 55 -0.54 7.49 14.16
C GLY A 55 -1.98 7.14 14.44
N ASP A 56 -2.89 8.09 14.26
CA ASP A 56 -4.30 7.78 14.37
C ASP A 56 -4.62 6.61 13.46
N ASN A 57 -5.39 5.63 13.97
CA ASN A 57 -5.93 4.57 13.12
C ASN A 57 -7.22 4.07 13.78
N GLN A 58 -8.37 4.45 13.23
CA GLN A 58 -9.63 3.81 13.53
C GLN A 58 -10.07 3.07 12.27
N GLY A 59 -10.17 1.75 12.35
CA GLY A 59 -10.81 0.99 11.29
C GLY A 59 -10.03 0.77 10.01
N CYS A 60 -8.71 0.94 10.02
CA CYS A 60 -7.96 0.80 8.76
C CYS A 60 -6.85 -0.22 8.89
N LYS A 61 -6.44 -0.76 7.73
CA LYS A 61 -5.38 -1.76 7.71
C LYS A 61 -4.72 -1.74 6.33
N PHE A 62 -3.43 -2.09 6.29
CA PHE A 62 -2.73 -2.32 5.03
C PHE A 62 -2.69 -3.82 4.76
N ILE A 63 -2.94 -4.18 3.52
CA ILE A 63 -2.84 -5.54 3.00
CA ILE A 63 -2.81 -5.55 3.03
C ILE A 63 -1.66 -5.58 2.05
N TYR A 64 -0.85 -6.64 2.11
CA TYR A 64 0.29 -6.79 1.20
C TYR A 64 0.46 -8.26 0.86
N ALA A 65 1.29 -8.53 -0.15
CA ALA A 65 1.67 -9.90 -0.48
C ALA A 65 2.91 -10.25 0.33
N ALA A 66 2.76 -11.16 1.30
CA ALA A 66 3.81 -11.39 2.28
C ALA A 66 4.82 -12.42 1.78
N ASP A 67 4.54 -13.11 0.69
CA ASP A 67 5.50 -14.03 0.14
C ASP A 67 5.32 -14.14 -1.37
N THR A 68 6.19 -14.96 -1.97
CA THR A 68 6.17 -15.03 -3.44
C THR A 68 5.03 -15.88 -3.98
N LYS A 69 4.29 -16.56 -3.12
CA LYS A 69 3.06 -17.22 -3.52
C LYS A 69 1.86 -16.30 -3.39
N GLY A 70 2.05 -15.04 -3.01
CA GLY A 70 0.95 -14.09 -2.84
C GLY A 70 0.13 -14.26 -1.58
N LYS A 71 0.62 -15.04 -0.61
CA LYS A 71 -0.15 -15.12 0.62
C LYS A 71 -0.22 -13.73 1.25
N GLN A 72 -1.40 -13.34 1.72
CA GLN A 72 -1.56 -11.97 2.20
C GLN A 72 -1.08 -11.81 3.63
N GLY A 73 -0.53 -10.63 3.88
CA GLY A 73 -0.26 -10.15 5.20
C GLY A 73 -1.07 -8.89 5.48
N GLU A 74 -1.24 -8.55 6.76
CA GLU A 74 -1.94 -7.33 7.13
C GLU A 74 -1.22 -6.63 8.25
N ILE A 75 -1.28 -5.31 8.25
CA ILE A 75 -0.64 -4.57 9.35
C ILE A 75 -1.46 -3.32 9.63
N THR A 76 -1.56 -2.98 10.91
CA THR A 76 -2.42 -1.89 11.37
C THR A 76 -1.66 -0.87 12.21
N GLN A 77 -0.37 -1.07 12.43
CA GLN A 77 0.37 -0.25 13.39
C GLN A 77 1.79 -0.18 12.89
N THR A 78 2.59 0.72 13.45
CA THR A 78 3.97 0.87 13.04
C THR A 78 4.68 -0.46 13.09
N GLY A 79 5.46 -0.75 12.05
CA GLY A 79 6.21 -2.00 12.04
C GLY A 79 6.89 -2.15 10.69
N SER A 80 7.61 -3.23 10.57
CA SER A 80 8.36 -3.49 9.36
CA SER A 80 8.44 -3.53 9.42
C SER A 80 7.99 -4.87 8.82
N PHE A 81 8.09 -5.00 7.51
CA PHE A 81 7.72 -6.27 6.90
C PHE A 81 8.34 -6.39 5.52
N THR A 82 8.25 -7.59 4.96
CA THR A 82 8.68 -7.87 3.58
C THR A 82 7.47 -8.03 2.70
N ALA A 83 7.45 -7.37 1.56
CA ALA A 83 6.32 -7.40 0.63
C ALA A 83 6.79 -7.58 -0.80
N TYR A 84 5.91 -8.15 -1.62
CA TYR A 84 6.18 -8.41 -3.02
C TYR A 84 5.09 -7.81 -3.86
N LEU A 85 5.41 -7.45 -5.09
CA LEU A 85 4.41 -6.91 -5.99
C LEU A 85 3.51 -8.00 -6.53
N SER A 86 2.20 -7.71 -6.60
CA SER A 86 1.28 -8.65 -7.23
C SER A 86 1.52 -8.68 -8.74
N GLY A 87 0.78 -9.55 -9.41
CA GLY A 87 0.96 -9.62 -10.84
C GLY A 87 0.51 -8.37 -11.60
N ARG A 88 -0.31 -7.54 -11.00
CA ARG A 88 -0.71 -6.25 -11.54
C ARG A 88 0.12 -5.13 -10.94
N ASN A 89 1.28 -5.48 -10.37
CA ASN A 89 2.24 -4.52 -9.84
C ASN A 89 1.68 -3.69 -8.68
N GLU A 90 0.79 -4.30 -7.90
CA GLU A 90 0.30 -3.67 -6.67
C GLU A 90 1.20 -4.04 -5.50
N LEU A 91 1.54 -3.06 -4.66
CA LEU A 91 2.35 -3.30 -3.48
C LEU A 91 1.49 -3.34 -2.20
N LEU A 92 0.62 -2.32 -2.01
CA LEU A 92 -0.10 -2.18 -0.76
C LEU A 92 -1.52 -1.78 -1.07
N LYS A 93 -2.47 -2.43 -0.40
CA LYS A 93 -3.86 -1.94 -0.39
C LYS A 93 -4.17 -1.40 1.00
N LEU A 94 -4.43 -0.11 1.11
CA LEU A 94 -4.82 0.50 2.41
C LEU A 94 -6.34 0.59 2.40
N GLU A 95 -6.98 -0.07 3.37
CA GLU A 95 -8.44 -0.18 3.42
C GLU A 95 -8.96 0.48 4.68
N CYS A 96 -10.02 1.14 4.57
CA CYS A 96 -10.78 1.61 5.80
CA CYS A 96 -10.72 1.67 5.80
C CYS A 96 -12.25 1.04 5.84
N LYS A 97 -12.69 0.84 7.04
CA LYS A 97 -14.02 0.29 7.22
C LYS A 97 -14.73 1.09 8.29
N GLY A 98 -15.91 1.63 7.97
CA GLY A 98 -16.73 2.30 8.95
C GLY A 98 -16.79 3.81 8.72
N LYS A 99 -17.92 4.40 9.13
CA LYS A 99 -18.17 5.82 8.90
C LYS A 99 -17.04 6.70 9.38
N ASP A 100 -16.51 6.42 10.57
CA ASP A 100 -15.49 7.28 11.17
C ASP A 100 -14.08 6.75 10.98
N SER A 101 -13.90 5.83 10.06
CA SER A 101 -12.55 5.28 9.86
C SER A 101 -11.60 6.36 9.34
N ASN A 102 -10.36 6.27 9.79
CA ASN A 102 -9.37 7.30 9.51
C ASN A 102 -8.01 6.77 9.91
N ILE A 103 -7.00 7.07 9.08
CA ILE A 103 -5.63 6.69 9.44
C ILE A 103 -4.66 7.75 8.90
N ASP A 104 -3.67 8.09 9.73
CA ASP A 104 -2.48 8.84 9.28
C ASP A 104 -1.27 7.89 9.27
N TYR A 105 -0.52 7.92 8.17
CA TYR A 105 0.53 6.92 8.02
C TYR A 105 1.72 7.51 7.26
N LYS A 106 2.85 6.79 7.40
CA LYS A 106 4.05 7.05 6.57
C LYS A 106 4.57 5.68 6.15
N VAL A 107 4.83 5.51 4.86
CA VAL A 107 5.40 4.28 4.31
C VAL A 107 6.77 4.60 3.75
N ILE A 108 7.77 3.78 4.07
CA ILE A 108 9.05 3.84 3.39
C ILE A 108 9.31 2.43 2.91
N ALA A 109 9.45 2.25 1.60
CA ALA A 109 9.67 0.92 1.02
C ALA A 109 10.97 0.91 0.22
N TYR A 110 11.84 -0.06 0.47
CA TYR A 110 13.10 -0.14 -0.24
C TYR A 110 13.08 -1.34 -1.17
N ALA A 111 13.47 -1.14 -2.43
CA ALA A 111 13.59 -2.24 -3.37
C ALA A 111 14.80 -1.96 -4.23
N ASN A 112 15.71 -2.93 -4.33
CA ASN A 112 16.83 -2.88 -5.29
C ASN A 112 17.49 -1.53 -5.35
N ALA A 113 17.94 -1.07 -4.20
CA ALA A 113 18.68 0.19 -4.10
C ALA A 113 17.83 1.45 -4.27
N ILE A 114 16.51 1.42 -4.09
CA ILE A 114 15.72 2.64 -4.25
C ILE A 114 14.73 2.74 -3.10
N GLU A 115 14.50 3.95 -2.60
CA GLU A 115 13.54 4.23 -1.56
C GLU A 115 12.29 4.83 -2.18
N TYR A 116 11.13 4.30 -1.81
CA TYR A 116 9.82 4.82 -2.21
C TYR A 116 9.09 5.24 -0.95
N ASP A 117 8.60 6.47 -0.90
CA ASP A 117 7.95 7.00 0.29
C ASP A 117 6.51 7.36 0.00
N ARG A 118 5.67 7.30 1.04
CA ARG A 118 4.33 7.90 0.92
C ARG A 118 3.94 8.38 2.30
N VAL A 119 3.54 9.65 2.44
CA VAL A 119 2.93 10.16 3.66
CA VAL A 119 2.92 10.13 3.67
C VAL A 119 1.48 10.52 3.31
N GLY A 120 0.56 10.15 4.17
CA GLY A 120 -0.80 10.41 3.75
C GLY A 120 -1.82 10.08 4.82
N ASN A 121 -3.08 10.23 4.43
CA ASN A 121 -4.23 9.94 5.26
C ASN A 121 -5.27 9.25 4.39
N LEU A 122 -6.03 8.34 4.97
CA LEU A 122 -7.24 7.83 4.34
C LEU A 122 -8.36 7.88 5.37
N SER A 123 -9.54 8.31 4.89
CA SER A 123 -10.73 8.20 5.72
C SER A 123 -11.91 7.89 4.83
N TYR A 124 -12.89 7.17 5.39
CA TYR A 124 -14.07 6.89 4.60
C TYR A 124 -14.75 8.20 4.20
N LEU A 125 -14.82 9.16 5.12
CA LEU A 125 -15.51 10.44 4.83
C LEU A 125 -14.91 11.11 3.60
N VAL A 126 -13.58 11.24 3.59
CA VAL A 126 -12.97 11.94 2.48
C VAL A 126 -13.08 11.11 1.21
N GLU A 127 -12.76 9.82 1.29
CA GLU A 127 -12.66 9.01 0.10
C GLU A 127 -14.01 8.80 -0.56
N SER A 128 -15.10 8.81 0.23
CA SER A 128 -16.44 8.63 -0.33
C SER A 128 -16.98 9.89 -1.00
N GLY A 129 -16.22 10.98 -0.94
CA GLY A 129 -16.46 12.11 -1.79
C GLY A 129 -17.48 13.10 -1.28
N GLY A 130 -18.04 12.88 -0.10
CA GLY A 130 -19.02 13.80 0.44
C GLY A 130 -18.37 14.91 1.26
N LEU A 131 -19.21 15.83 1.65
CA LEU A 131 -18.76 17.04 2.34
C LEU A 131 -18.30 16.71 3.75
CL CL B . 10.21 -13.89 -15.44
#